data_5MUZ
#
_entry.id   5MUZ
#
_cell.length_a   74.830
_cell.length_b   42.870
_cell.length_c   70.830
_cell.angle_alpha   90.00
_cell.angle_beta   114.44
_cell.angle_gamma   90.00
#
_symmetry.space_group_name_H-M   'C 1 2 1'
#
loop_
_entity.id
_entity.type
_entity.pdbx_description
1 polymer 'L protein'
2 water water
#
_entity_poly.entity_id   1
_entity_poly.type   'polypeptide(L)'
_entity_poly.pdbx_seq_one_letter_code
;GPHADGDQNLFDYQFTGTPEEPIKGYWTTTISYRDSKPKISLTIRQEFVEGGVESQAVLATVVGRPHLQDFLLLKRKHLE
YSDYPESIDLIEFGDVKVIEKTV
;
_entity_poly.pdbx_strand_id   A,B
#
# COMPACT_ATOMS: atom_id res chain seq x y z
N ASN A 9 22.10 -5.47 0.78
CA ASN A 9 21.88 -4.04 0.76
C ASN A 9 21.17 -3.62 2.05
N LEU A 10 20.81 -2.32 2.11
CA LEU A 10 20.37 -1.68 3.34
C LEU A 10 18.96 -1.08 3.23
N PHE A 11 18.16 -1.54 2.28
CA PHE A 11 16.84 -0.98 2.04
C PHE A 11 15.87 -2.13 1.78
N ASP A 12 14.60 -1.91 2.14
CA ASP A 12 13.55 -2.86 1.81
C ASP A 12 12.73 -2.33 0.64
N TYR A 13 12.29 -3.24 -0.22
CA TYR A 13 11.66 -2.89 -1.47
C TYR A 13 10.36 -3.64 -1.64
N GLN A 14 9.35 -2.98 -2.18
CA GLN A 14 8.17 -3.68 -2.67
C GLN A 14 7.56 -2.92 -3.83
N PHE A 15 6.79 -3.63 -4.63
CA PHE A 15 6.03 -2.98 -5.68
C PHE A 15 4.68 -3.66 -5.83
N THR A 16 3.70 -2.91 -6.31
CA THR A 16 2.38 -3.45 -6.60
C THR A 16 1.96 -2.92 -7.96
N GLY A 17 1.79 -3.82 -8.93
CA GLY A 17 1.55 -3.45 -10.29
C GLY A 17 2.85 -3.15 -11.00
N THR A 18 2.77 -3.08 -12.32
CA THR A 18 3.86 -2.77 -13.22
C THR A 18 3.33 -1.91 -14.35
N PRO A 19 4.22 -1.23 -15.10
CA PRO A 19 3.74 -0.47 -16.27
C PRO A 19 3.02 -1.32 -17.30
N GLU A 20 3.40 -2.58 -17.47
CA GLU A 20 2.70 -3.39 -18.46
C GLU A 20 1.38 -3.93 -17.92
N GLU A 21 1.30 -4.13 -16.60
CA GLU A 21 0.07 -4.62 -15.96
C GLU A 21 -0.30 -3.70 -14.80
N PRO A 22 -0.71 -2.46 -15.10
CA PRO A 22 -1.08 -1.54 -14.02
C PRO A 22 -2.35 -2.01 -13.31
N ILE A 23 -2.49 -1.56 -12.08
CA ILE A 23 -3.68 -1.84 -11.28
C ILE A 23 -4.56 -0.60 -11.37
N LYS A 24 -5.65 -0.70 -12.13
CA LYS A 24 -6.53 0.44 -12.39
C LYS A 24 -5.74 1.64 -12.90
N GLY A 25 -4.80 1.37 -13.80
CA GLY A 25 -4.02 2.40 -14.46
C GLY A 25 -2.81 2.89 -13.70
N TYR A 26 -2.55 2.36 -12.50
CA TYR A 26 -1.45 2.83 -11.66
C TYR A 26 -0.50 1.68 -11.36
N TRP A 27 0.75 2.03 -11.06
CA TRP A 27 1.67 1.11 -10.40
C TRP A 27 2.48 1.87 -9.36
N THR A 28 2.90 1.16 -8.33
CA THR A 28 3.54 1.78 -7.18
C THR A 28 4.79 1.02 -6.77
N THR A 29 5.80 1.74 -6.28
CA THR A 29 7.00 1.14 -5.70
C THR A 29 7.26 1.82 -4.36
N THR A 30 7.70 1.05 -3.37
CA THR A 30 7.99 1.58 -2.04
C THR A 30 9.37 1.13 -1.63
N ILE A 31 10.18 2.06 -1.13
CA ILE A 31 11.53 1.75 -0.67
C ILE A 31 11.62 2.35 0.72
N SER A 32 12.18 1.61 1.66
CA SER A 32 12.17 2.04 3.04
C SER A 32 13.47 1.66 3.72
N TYR A 33 13.77 2.40 4.79
CA TYR A 33 14.88 2.06 5.67
C TYR A 33 14.56 0.75 6.38
N ARG A 34 15.43 -0.24 6.21
CA ARG A 34 15.23 -1.53 6.87
C ARG A 34 15.15 -1.34 8.38
N ASP A 35 14.17 -1.99 9.00
CA ASP A 35 13.94 -2.01 10.44
C ASP A 35 13.44 -0.68 11.00
N SER A 36 12.89 0.20 10.18
CA SER A 36 12.35 1.47 10.69
C SER A 36 11.00 1.25 11.36
N LYS A 37 10.89 1.60 12.63
CA LYS A 37 9.58 1.70 13.28
C LYS A 37 9.62 2.84 14.31
N PRO A 38 8.70 3.81 14.14
CA PRO A 38 7.77 3.92 13.01
C PRO A 38 8.51 4.06 11.67
N LYS A 39 7.87 3.56 10.63
CA LYS A 39 8.56 3.23 9.39
CA LYS A 39 8.53 3.23 9.38
C LYS A 39 8.91 4.47 8.57
N ILE A 40 10.13 4.47 8.04
CA ILE A 40 10.58 5.53 7.13
C ILE A 40 10.59 4.97 5.71
N SER A 41 9.68 5.46 4.88
CA SER A 41 9.51 4.89 3.55
C SER A 41 9.12 5.98 2.57
N LEU A 42 9.45 5.78 1.29
CA LEU A 42 8.98 6.66 0.23
C LEU A 42 8.22 5.82 -0.79
N THR A 43 6.99 6.20 -1.07
CA THR A 43 6.18 5.45 -2.03
C THR A 43 5.96 6.31 -3.26
N ILE A 44 6.24 5.74 -4.45
CA ILE A 44 6.07 6.47 -5.70
C ILE A 44 4.99 5.78 -6.50
N ARG A 45 3.94 6.52 -6.85
CA ARG A 45 2.85 6.03 -7.68
C ARG A 45 2.95 6.64 -9.06
N GLN A 46 2.85 5.81 -10.10
CA GLN A 46 3.02 6.25 -11.48
C GLN A 46 1.82 5.86 -12.32
N GLU A 47 1.61 6.67 -13.36
CA GLU A 47 0.58 6.38 -14.36
C GLU A 47 1.02 7.01 -15.67
N PHE A 48 0.57 6.40 -16.76
CA PHE A 48 0.79 6.94 -18.09
C PHE A 48 -0.11 8.14 -18.36
N VAL A 49 0.48 9.18 -18.93
CA VAL A 49 -0.26 10.32 -19.46
C VAL A 49 0.27 10.54 -20.86
N GLU A 50 -0.38 11.43 -21.60
CA GLU A 50 0.08 11.67 -22.97
C GLU A 50 1.50 12.23 -22.96
N GLY A 51 2.40 11.50 -23.61
CA GLY A 51 3.78 11.92 -23.74
C GLY A 51 4.73 11.43 -22.66
N GLY A 52 4.25 10.72 -21.64
CA GLY A 52 5.17 10.25 -20.62
C GLY A 52 4.46 9.60 -19.46
N VAL A 53 5.12 9.64 -18.31
CA VAL A 53 4.64 9.06 -17.06
C VAL A 53 4.56 10.15 -15.99
N GLU A 54 3.50 10.12 -15.19
CA GLU A 54 3.32 11.07 -14.10
C GLU A 54 3.51 10.37 -12.76
N SER A 55 4.36 10.95 -11.91
CA SER A 55 4.76 10.38 -10.63
C SER A 55 4.31 11.22 -9.45
N GLN A 56 3.82 10.55 -8.40
CA GLN A 56 3.41 11.15 -7.14
C GLN A 56 4.10 10.45 -5.99
N ALA A 57 4.59 11.21 -4.99
CA ALA A 57 5.41 10.68 -3.91
C ALA A 57 4.78 10.91 -2.54
N VAL A 58 4.84 9.89 -1.68
CA VAL A 58 4.38 9.99 -0.29
C VAL A 58 5.53 9.54 0.59
N LEU A 59 5.97 10.41 1.50
CA LEU A 59 7.01 10.11 2.47
C LEU A 59 6.32 9.83 3.80
N ALA A 60 6.32 8.58 4.22
CA ALA A 60 5.79 8.21 5.53
C ALA A 60 6.98 8.16 6.49
N THR A 61 6.90 8.92 7.57
CA THR A 61 8.08 9.11 8.41
C THR A 61 7.62 9.46 9.82
N VAL A 62 8.45 10.14 10.58
CA VAL A 62 8.15 10.44 11.98
C VAL A 62 8.56 11.87 12.26
N VAL A 63 7.93 12.45 13.29
CA VAL A 63 8.24 13.81 13.71
C VAL A 63 9.70 13.88 14.10
N GLY A 64 10.37 14.96 13.68
CA GLY A 64 11.75 15.23 14.04
C GLY A 64 12.77 14.88 12.98
N ARG A 65 12.45 13.98 12.04
CA ARG A 65 13.42 13.54 11.06
C ARG A 65 13.69 14.66 10.08
N PRO A 66 14.95 14.64 9.37
CA PRO A 66 15.24 15.65 8.33
C PRO A 66 14.59 15.23 7.02
N HIS A 67 13.30 15.55 6.89
CA HIS A 67 12.48 15.04 5.80
C HIS A 67 13.11 15.29 4.43
N LEU A 68 13.76 16.44 4.26
CA LEU A 68 14.35 16.77 2.97
C LEU A 68 15.42 15.76 2.60
N GLN A 69 16.33 15.49 3.53
CA GLN A 69 17.44 14.57 3.27
C GLN A 69 16.96 13.14 3.16
N ASP A 70 16.04 12.70 4.02
CA ASP A 70 15.42 11.39 3.84
C ASP A 70 14.81 11.27 2.45
N PHE A 71 14.07 12.30 2.04
CA PHE A 71 13.45 12.27 0.72
C PHE A 71 14.51 12.14 -0.37
N LEU A 72 15.57 12.94 -0.29
CA LEU A 72 16.60 12.89 -1.32
C LEU A 72 17.27 11.53 -1.38
N LEU A 73 17.47 10.91 -0.22
CA LEU A 73 18.15 9.61 -0.21
C LEU A 73 17.26 8.52 -0.76
N LEU A 74 16.00 8.48 -0.31
CA LEU A 74 15.09 7.49 -0.87
C LEU A 74 14.81 7.79 -2.33
N LYS A 75 14.86 9.06 -2.73
CA LYS A 75 14.63 9.38 -4.14
C LYS A 75 15.74 8.80 -5.02
N ARG A 76 16.99 8.86 -4.56
CA ARG A 76 18.06 8.26 -5.33
C ARG A 76 17.86 6.75 -5.48
N LYS A 77 17.36 6.09 -4.42
CA LYS A 77 17.15 4.66 -4.53
C LYS A 77 16.00 4.34 -5.46
N HIS A 78 15.00 5.23 -5.49
CA HIS A 78 13.94 5.06 -6.46
C HIS A 78 14.43 5.25 -7.88
N LEU A 79 15.40 6.15 -8.08
CA LEU A 79 15.90 6.38 -9.43
C LEU A 79 16.54 5.10 -9.98
N GLU A 80 17.23 4.35 -9.13
CA GLU A 80 17.90 3.12 -9.54
C GLU A 80 16.95 1.94 -9.68
N TYR A 81 15.79 1.99 -9.04
CA TYR A 81 14.84 0.89 -8.96
C TYR A 81 13.64 1.06 -9.89
N SER A 82 13.27 2.30 -10.23
CA SER A 82 12.10 2.53 -11.08
C SER A 82 12.39 2.28 -12.55
N ASP A 83 11.30 2.16 -13.32
CA ASP A 83 11.37 1.96 -14.76
C ASP A 83 11.32 3.25 -15.55
N TYR A 84 10.88 4.34 -14.92
CA TYR A 84 10.84 5.67 -15.53
C TYR A 84 11.50 6.67 -14.60
N PRO A 85 12.83 6.58 -14.42
CA PRO A 85 13.50 7.51 -13.51
C PRO A 85 13.36 8.98 -13.91
N GLU A 86 13.29 9.27 -15.21
CA GLU A 86 13.10 10.66 -15.63
C GLU A 86 11.87 11.28 -14.99
N SER A 87 10.82 10.48 -14.79
CA SER A 87 9.59 11.02 -14.20
C SER A 87 9.73 11.22 -12.70
N ILE A 88 10.48 10.35 -12.03
CA ILE A 88 10.70 10.53 -10.60
C ILE A 88 11.64 11.68 -10.35
N ASP A 89 12.61 11.87 -11.25
CA ASP A 89 13.60 12.94 -11.06
C ASP A 89 12.96 14.31 -11.01
N LEU A 90 11.76 14.45 -11.57
CA LEU A 90 11.07 15.74 -11.57
C LEU A 90 10.42 16.06 -10.23
N ILE A 91 10.25 15.09 -9.33
CA ILE A 91 9.58 15.37 -8.07
C ILE A 91 10.51 16.19 -7.19
N GLU A 92 10.02 17.33 -6.74
CA GLU A 92 10.70 18.13 -5.74
C GLU A 92 9.99 17.96 -4.40
N PHE A 93 10.74 18.22 -3.33
CA PHE A 93 10.25 17.99 -1.98
C PHE A 93 8.91 18.68 -1.73
N GLY A 94 8.73 19.89 -2.26
CA GLY A 94 7.47 20.60 -2.07
C GLY A 94 6.25 19.85 -2.58
N ASP A 95 6.44 18.94 -3.54
CA ASP A 95 5.36 18.10 -4.08
C ASP A 95 5.07 16.85 -3.25
N VAL A 96 5.94 16.49 -2.31
CA VAL A 96 5.81 15.23 -1.58
C VAL A 96 4.79 15.38 -0.47
N LYS A 97 3.87 14.43 -0.37
CA LYS A 97 3.01 14.34 0.80
C LYS A 97 3.81 13.67 1.92
N VAL A 98 3.92 14.35 3.05
CA VAL A 98 4.67 13.87 4.21
C VAL A 98 3.68 13.48 5.29
N ILE A 99 3.76 12.24 5.73
CA ILE A 99 2.91 11.73 6.80
C ILE A 99 3.81 11.40 7.97
N GLU A 100 3.76 12.21 9.02
CA GLU A 100 4.50 11.95 10.24
C GLU A 100 3.62 11.17 11.21
N LYS A 101 4.06 9.98 11.57
CA LYS A 101 3.29 9.11 12.46
C LYS A 101 3.40 9.56 13.92
N GLY B 6 -7.35 -10.92 -13.51
CA GLY B 6 -8.73 -11.29 -13.80
C GLY B 6 -9.13 -12.65 -13.26
N ASP B 7 -9.17 -12.77 -11.93
CA ASP B 7 -9.31 -14.03 -11.23
C ASP B 7 -10.34 -13.94 -10.10
N GLN B 8 -11.39 -13.14 -10.27
CA GLN B 8 -12.30 -12.88 -9.17
C GLN B 8 -13.08 -14.12 -8.77
N ASN B 9 -13.15 -15.16 -9.62
CA ASN B 9 -13.83 -16.38 -9.22
C ASN B 9 -13.17 -17.08 -8.05
N LEU B 10 -11.92 -16.74 -7.72
CA LEU B 10 -11.23 -17.40 -6.62
C LEU B 10 -11.41 -16.66 -5.30
N PHE B 11 -12.36 -15.73 -5.20
CA PHE B 11 -12.48 -14.91 -4.01
C PHE B 11 -13.93 -14.64 -3.65
N ASP B 12 -14.16 -14.50 -2.36
CA ASP B 12 -15.40 -14.01 -1.79
C ASP B 12 -15.22 -12.58 -1.33
N TYR B 13 -16.27 -11.79 -1.45
CA TYR B 13 -16.22 -10.36 -1.18
C TYR B 13 -17.34 -9.96 -0.24
N GLN B 14 -17.04 -9.08 0.71
CA GLN B 14 -18.01 -8.52 1.65
C GLN B 14 -17.59 -7.10 1.98
N PHE B 15 -18.54 -6.33 2.50
CA PHE B 15 -18.20 -4.99 2.97
C PHE B 15 -19.25 -4.55 3.98
N THR B 16 -18.85 -3.63 4.85
CA THR B 16 -19.75 -2.99 5.80
C THR B 16 -19.46 -1.49 5.80
N GLY B 17 -20.44 -0.68 5.41
CA GLY B 17 -20.24 0.75 5.28
C GLY B 17 -19.64 1.15 3.93
N THR B 18 -19.68 2.45 3.66
CA THR B 18 -19.11 3.03 2.44
C THR B 18 -18.47 4.36 2.81
N PRO B 19 -17.57 4.88 1.97
CA PRO B 19 -17.03 6.22 2.24
C PRO B 19 -18.10 7.29 2.33
N GLU B 20 -19.16 7.16 1.55
CA GLU B 20 -20.23 8.16 1.59
C GLU B 20 -21.17 7.93 2.76
N GLU B 21 -21.33 6.69 3.20
CA GLU B 21 -22.18 6.37 4.36
C GLU B 21 -21.36 5.55 5.36
N PRO B 22 -20.33 6.15 5.95
CA PRO B 22 -19.51 5.40 6.90
C PRO B 22 -20.31 5.05 8.14
N ILE B 23 -19.90 3.97 8.77
CA ILE B 23 -20.48 3.55 10.04
C ILE B 23 -19.51 3.90 11.14
N LYS B 24 -20.01 4.60 12.17
CA LYS B 24 -19.18 5.00 13.31
C LYS B 24 -17.91 5.71 12.87
N GLY B 25 -17.88 6.26 11.66
CA GLY B 25 -16.67 6.78 11.08
C GLY B 25 -15.85 5.79 10.26
N TYR B 26 -16.30 4.54 10.10
CA TYR B 26 -15.56 3.49 9.40
C TYR B 26 -16.31 2.93 8.20
N TRP B 27 -15.55 2.34 7.28
CA TRP B 27 -16.10 1.39 6.32
C TRP B 27 -15.08 0.26 6.15
N THR B 28 -15.59 -0.93 5.89
CA THR B 28 -14.80 -2.17 5.90
C THR B 28 -15.05 -2.97 4.63
N THR B 29 -14.01 -3.64 4.13
CA THR B 29 -14.15 -4.62 3.07
C THR B 29 -13.35 -5.85 3.47
N THR B 30 -13.87 -7.05 3.14
CA THR B 30 -13.21 -8.31 3.44
C THR B 30 -13.19 -9.14 2.17
N ILE B 31 -12.03 -9.67 1.85
CA ILE B 31 -11.85 -10.53 0.68
C ILE B 31 -11.17 -11.80 1.16
N SER B 32 -11.64 -12.95 0.69
CA SER B 32 -11.15 -14.20 1.22
C SER B 32 -10.98 -15.19 0.08
N TYR B 33 -10.15 -16.19 0.32
CA TYR B 33 -10.09 -17.31 -0.61
C TYR B 33 -11.43 -18.02 -0.58
N ARG B 34 -12.13 -18.04 -1.72
CA ARG B 34 -13.45 -18.67 -1.74
C ARG B 34 -13.33 -20.15 -1.44
N ASP B 35 -14.16 -20.64 -0.51
CA ASP B 35 -14.20 -22.05 -0.15
C ASP B 35 -12.88 -22.52 0.46
N SER B 36 -12.09 -21.60 1.03
CA SER B 36 -10.86 -21.99 1.72
C SER B 36 -11.26 -22.71 3.00
N LYS B 37 -11.01 -24.03 3.03
CA LYS B 37 -11.53 -24.86 4.10
C LYS B 37 -10.99 -24.44 5.47
N PRO B 38 -9.70 -24.15 5.65
CA PRO B 38 -9.33 -23.19 6.69
C PRO B 38 -9.41 -21.79 6.08
N LYS B 39 -10.40 -20.99 6.48
CA LYS B 39 -10.74 -19.79 5.73
C LYS B 39 -9.70 -18.68 5.92
N ILE B 40 -9.22 -18.13 4.80
CA ILE B 40 -8.15 -17.13 4.76
C ILE B 40 -8.73 -15.84 4.20
N SER B 41 -8.72 -14.78 5.00
CA SER B 41 -9.36 -13.54 4.60
C SER B 41 -8.50 -12.37 5.05
N LEU B 42 -8.58 -11.26 4.29
CA LEU B 42 -7.95 -9.99 4.63
C LEU B 42 -9.05 -8.96 4.69
N THR B 43 -9.14 -8.27 5.81
CA THR B 43 -10.15 -7.23 6.02
C THR B 43 -9.42 -5.91 6.08
N ILE B 44 -9.90 -4.92 5.33
CA ILE B 44 -9.33 -3.58 5.35
C ILE B 44 -10.37 -2.64 5.93
N ARG B 45 -10.02 -1.98 7.04
CA ARG B 45 -10.85 -0.94 7.65
C ARG B 45 -10.29 0.40 7.24
N GLN B 46 -11.17 1.30 6.76
CA GLN B 46 -10.74 2.63 6.32
C GLN B 46 -11.55 3.70 7.04
N GLU B 47 -10.90 4.85 7.25
CA GLU B 47 -11.57 6.02 7.82
C GLU B 47 -10.86 7.26 7.31
N PHE B 48 -11.58 8.37 7.25
CA PHE B 48 -10.95 9.64 6.91
C PHE B 48 -10.21 10.17 8.13
N VAL B 49 -8.98 10.64 7.92
CA VAL B 49 -8.19 11.30 8.95
C VAL B 49 -7.59 12.56 8.34
N GLU B 50 -6.89 13.33 9.17
CA GLU B 50 -6.30 14.57 8.66
C GLU B 50 -5.34 14.24 7.53
N GLY B 51 -5.63 14.80 6.34
CA GLY B 51 -4.72 14.64 5.23
C GLY B 51 -4.93 13.44 4.35
N GLY B 52 -5.88 12.56 4.65
CA GLY B 52 -6.09 11.43 3.74
C GLY B 52 -7.05 10.39 4.30
N VAL B 53 -6.88 9.15 3.84
CA VAL B 53 -7.66 8.03 4.33
C VAL B 53 -6.69 7.08 5.01
N GLU B 54 -7.07 6.54 6.16
CA GLU B 54 -6.22 5.59 6.87
C GLU B 54 -6.80 4.19 6.75
N SER B 55 -5.95 3.25 6.36
CA SER B 55 -6.34 1.86 6.19
C SER B 55 -5.63 1.02 7.24
N GLN B 56 -6.37 0.09 7.85
CA GLN B 56 -5.85 -0.89 8.80
C GLN B 56 -6.21 -2.28 8.32
N ALA B 57 -5.27 -3.23 8.40
CA ALA B 57 -5.46 -4.54 7.78
C ALA B 57 -5.44 -5.64 8.84
N VAL B 58 -6.35 -6.60 8.72
CA VAL B 58 -6.40 -7.76 9.61
C VAL B 58 -6.42 -8.99 8.74
N LEU B 59 -5.43 -9.87 8.93
CA LEU B 59 -5.34 -11.12 8.17
C LEU B 59 -5.81 -12.23 9.09
N ALA B 60 -6.97 -12.81 8.79
CA ALA B 60 -7.48 -13.93 9.56
C ALA B 60 -7.07 -15.21 8.84
N THR B 61 -6.35 -16.08 9.54
CA THR B 61 -5.70 -17.17 8.83
C THR B 61 -5.48 -18.31 9.82
N VAL B 62 -4.45 -19.13 9.58
CA VAL B 62 -4.18 -20.30 10.40
C VAL B 62 -2.68 -20.41 10.61
N VAL B 63 -2.28 -21.04 11.72
CA VAL B 63 -0.85 -21.20 11.99
C VAL B 63 -0.24 -22.02 10.86
N GLY B 64 0.97 -21.62 10.43
CA GLY B 64 1.71 -22.35 9.44
C GLY B 64 1.64 -21.79 8.03
N ARG B 65 0.64 -20.98 7.73
CA ARG B 65 0.51 -20.52 6.36
C ARG B 65 1.59 -19.51 5.98
N PRO B 66 1.87 -19.37 4.69
CA PRO B 66 2.79 -18.32 4.24
C PRO B 66 2.06 -16.98 4.21
N HIS B 67 2.03 -16.33 5.38
CA HIS B 67 1.23 -15.13 5.56
C HIS B 67 1.60 -14.03 4.56
N LEU B 68 2.88 -13.95 4.18
CA LEU B 68 3.30 -12.92 3.22
C LEU B 68 2.61 -13.11 1.88
N GLN B 69 2.75 -14.31 1.29
CA GLN B 69 2.10 -14.58 0.02
C GLN B 69 0.60 -14.32 0.10
N ASP B 70 -0.01 -14.74 1.21
CA ASP B 70 -1.45 -14.57 1.34
C ASP B 70 -1.79 -13.09 1.40
N PHE B 71 -1.06 -12.35 2.23
CA PHE B 71 -1.32 -10.92 2.36
C PHE B 71 -1.16 -10.19 1.04
N LEU B 72 -0.06 -10.44 0.33
CA LEU B 72 0.18 -9.71 -0.91
C LEU B 72 -0.89 -10.00 -1.95
N LEU B 73 -1.37 -11.25 -2.03
CA LEU B 73 -2.36 -11.51 -3.09
C LEU B 73 -3.72 -10.92 -2.72
N LEU B 74 -4.15 -11.09 -1.48
CA LEU B 74 -5.42 -10.48 -1.06
C LEU B 74 -5.35 -8.96 -1.08
N LYS B 75 -4.17 -8.39 -0.81
CA LYS B 75 -4.00 -6.93 -0.94
C LYS B 75 -4.20 -6.51 -2.39
N ARG B 76 -3.72 -7.31 -3.34
CA ARG B 76 -3.93 -7.01 -4.75
C ARG B 76 -5.41 -6.99 -5.11
N LYS B 77 -6.21 -7.91 -4.56
CA LYS B 77 -7.64 -7.82 -4.86
C LYS B 77 -8.32 -6.65 -4.15
N HIS B 78 -7.81 -6.24 -2.98
CA HIS B 78 -8.37 -5.06 -2.33
C HIS B 78 -8.14 -3.81 -3.18
N LEU B 79 -6.98 -3.76 -3.85
CA LEU B 79 -6.65 -2.59 -4.66
C LEU B 79 -7.63 -2.41 -5.82
N GLU B 80 -8.06 -3.51 -6.43
CA GLU B 80 -9.02 -3.42 -7.50
C GLU B 80 -10.41 -3.14 -6.97
N TYR B 81 -10.69 -3.46 -5.72
CA TYR B 81 -12.06 -3.41 -5.22
C TYR B 81 -12.35 -2.16 -4.38
N SER B 82 -11.34 -1.59 -3.69
CA SER B 82 -11.56 -0.45 -2.80
C SER B 82 -11.75 0.86 -3.55
N ASP B 83 -12.21 1.87 -2.80
CA ASP B 83 -12.38 3.22 -3.32
C ASP B 83 -11.17 4.11 -3.11
N TYR B 84 -10.27 3.73 -2.20
CA TYR B 84 -9.04 4.46 -1.92
C TYR B 84 -7.85 3.51 -1.95
N PRO B 85 -7.51 2.98 -3.14
CA PRO B 85 -6.37 2.06 -3.22
C PRO B 85 -5.06 2.69 -2.79
N GLU B 86 -4.90 3.99 -3.05
CA GLU B 86 -3.70 4.72 -2.63
C GLU B 86 -3.42 4.57 -1.15
N SER B 87 -4.47 4.48 -0.32
CA SER B 87 -4.27 4.33 1.11
C SER B 87 -3.88 2.90 1.49
N ILE B 88 -4.45 1.92 0.80
CA ILE B 88 -4.13 0.52 1.07
C ILE B 88 -2.72 0.20 0.63
N ASP B 89 -2.27 0.86 -0.40
CA ASP B 89 -0.93 0.61 -0.90
C ASP B 89 0.12 0.91 0.15
N LEU B 90 -0.19 1.78 1.11
CA LEU B 90 0.78 2.11 2.13
C LEU B 90 0.96 1.02 3.16
N ILE B 91 0.04 0.07 3.22
CA ILE B 91 0.17 -1.02 4.16
C ILE B 91 1.23 -1.99 3.66
N GLU B 92 2.11 -2.42 4.54
CA GLU B 92 3.04 -3.49 4.24
CA GLU B 92 3.01 -3.51 4.23
C GLU B 92 2.92 -4.56 5.33
N PHE B 93 3.32 -5.79 4.98
CA PHE B 93 3.06 -6.94 5.85
C PHE B 93 3.36 -6.65 7.31
N GLY B 94 4.42 -5.87 7.57
CA GLY B 94 4.76 -5.54 8.94
C GLY B 94 3.65 -4.79 9.68
N ASP B 95 2.79 -4.10 8.93
CA ASP B 95 1.68 -3.35 9.50
C ASP B 95 0.46 -4.21 9.81
N VAL B 96 0.41 -5.45 9.32
CA VAL B 96 -0.80 -6.25 9.35
C VAL B 96 -0.95 -6.92 10.71
N LYS B 97 -2.16 -6.87 11.27
CA LYS B 97 -2.53 -7.74 12.39
C LYS B 97 -2.87 -9.15 11.90
N VAL B 98 -2.20 -10.17 12.44
CA VAL B 98 -2.40 -11.56 12.03
C VAL B 98 -3.16 -12.32 13.11
N ILE B 99 -4.28 -12.93 12.73
CA ILE B 99 -5.12 -13.74 13.61
C ILE B 99 -5.06 -15.19 13.13
N GLU B 100 -4.41 -16.07 13.88
CA GLU B 100 -4.40 -17.49 13.52
C GLU B 100 -5.57 -18.18 14.25
N LYS B 101 -6.52 -18.68 13.48
CA LYS B 101 -7.77 -19.17 14.03
C LYS B 101 -7.59 -20.55 14.67
N THR B 102 -8.35 -20.76 15.74
CA THR B 102 -8.36 -22.02 16.46
C THR B 102 -9.69 -22.73 16.23
#